data_4K5Z
#
_entry.id   4K5Z
#
_cell.length_a   74.609
_cell.length_b   74.609
_cell.length_c   49.897
_cell.angle_alpha   90.000
_cell.angle_beta   90.000
_cell.angle_gamma   90.000
#
_symmetry.space_group_name_H-M   'P 43'
#
loop_
_entity.id
_entity.type
_entity.pdbx_description
1 polymer Chymase
2 non-polymer 2-acetamido-2-deoxy-beta-D-glucopyranose
3 non-polymer 'ZINC ION'
4 non-polymer 6-chloro-2,3-dihydro-1H-isoindol-1-one
5 water water
#
_entity_poly.entity_id   1
_entity_poly.type   'polypeptide(L)'
_entity_poly.pdbx_seq_one_letter_code
;IIGGTECKPHSRPYMAYLEIVTSNGPSKFCGGFLIRRNFVLTAAHCAGRSITVTLGAHNITEEEDTWQKLEVIKQFRHPK
YNTSTLHHDIMLLKLKEKASLTLAVGTLPFPSQKNFVPPGRMCRVAGWGRTGVLKPGSDTLQEVKLRLMDPQACSHFRDF
DHNLQLCVGNPRKTKSAFKGDSGGPLLCAGAAQGIVSYGRSDAKPPAVFTRISHYQPWINQILQAN
;
_entity_poly.pdbx_strand_id   A
#
loop_
_chem_comp.id
_chem_comp.type
_chem_comp.name
_chem_comp.formula
1P7 non-polymer 6-chloro-2,3-dihydro-1H-isoindol-1-one 'C8 H6 Cl N O'
NAG D-saccharide, beta linking 2-acetamido-2-deoxy-beta-D-glucopyranose 'C8 H15 N O6'
ZN non-polymer 'ZINC ION' 'Zn 2'
#
# COMPACT_ATOMS: atom_id res chain seq x y z
N ILE A 1 -7.28 4.37 -7.05
CA ILE A 1 -7.81 3.09 -7.51
C ILE A 1 -8.67 3.35 -8.76
N ILE A 2 -8.30 2.72 -9.88
CA ILE A 2 -9.07 2.85 -11.12
C ILE A 2 -10.06 1.71 -11.31
N GLY A 3 -11.33 2.06 -11.50
CA GLY A 3 -12.34 1.07 -11.81
C GLY A 3 -12.85 0.33 -10.59
N GLY A 4 -12.78 0.99 -9.43
CA GLY A 4 -13.19 0.37 -8.20
C GLY A 4 -14.54 0.88 -7.70
N THR A 5 -14.91 0.44 -6.50
CA THR A 5 -16.17 0.82 -5.85
C THR A 5 -15.82 1.50 -4.53
N GLU A 6 -16.59 2.51 -4.13
CA GLU A 6 -16.39 3.11 -2.81
C GLU A 6 -16.72 2.08 -1.76
N CYS A 7 -15.85 1.91 -0.78
CA CYS A 7 -16.11 0.94 0.28
C CYS A 7 -17.16 1.49 1.24
N LYS A 8 -17.85 0.58 1.94
CA LYS A 8 -18.68 0.97 3.08
C LYS A 8 -17.72 1.48 4.14
N PRO A 9 -17.99 2.68 4.68
CA PRO A 9 -17.07 3.33 5.62
C PRO A 9 -16.59 2.39 6.71
N HIS A 10 -15.27 2.31 6.89
CA HIS A 10 -14.61 1.54 7.94
C HIS A 10 -14.64 0.02 7.80
N SER A 11 -14.99 -0.48 6.62
CA SER A 11 -14.99 -1.94 6.42
C SER A 11 -13.57 -2.50 6.20
N ARG A 12 -12.56 -1.62 6.15
CA ARG A 12 -11.18 -2.05 6.03
C ARG A 12 -10.36 -1.38 7.14
N PRO A 13 -10.57 -1.82 8.39
CA PRO A 13 -10.09 -1.04 9.54
C PRO A 13 -8.57 -0.96 9.71
N TYR A 14 -7.83 -1.76 8.94
CA TYR A 14 -6.38 -1.75 9.01
C TYR A 14 -5.79 -0.71 8.07
N MET A 15 -6.60 -0.12 7.19
CA MET A 15 -6.07 0.82 6.17
C MET A 15 -5.51 2.10 6.80
N ALA A 16 -4.36 2.54 6.30
CA ALA A 16 -3.71 3.74 6.82
C ALA A 16 -3.55 4.73 5.69
N TYR A 17 -3.74 6.01 6.00
CA TYR A 17 -3.60 7.06 5.01
C TYR A 17 -2.38 7.87 5.43
N LEU A 18 -1.39 7.95 4.54
CA LEU A 18 -0.08 8.52 4.86
C LEU A 18 0.08 9.87 4.19
N GLU A 19 0.45 10.89 4.99
CA GLU A 19 0.86 12.17 4.44
C GLU A 19 2.36 12.32 4.64
N ILE A 20 3.09 12.40 3.54
CA ILE A 20 4.54 12.39 3.58
C ILE A 20 5.11 13.78 3.27
N VAL A 21 5.95 14.30 4.17
CA VAL A 21 6.60 15.60 4.01
C VAL A 21 8.00 15.43 3.44
N THR A 22 8.35 16.26 2.44
CA THR A 22 9.74 16.41 2.02
C THR A 22 10.25 17.86 2.15
N SER A 23 11.57 18.01 2.26
CA SER A 23 12.20 19.33 2.42
C SER A 23 11.95 20.31 1.27
N ASN A 24 11.84 19.77 0.05
CA ASN A 24 11.89 20.58 -1.16
C ASN A 24 10.60 20.62 -1.97
N GLY A 25 9.52 20.06 -1.45
CA GLY A 25 8.27 20.04 -2.18
C GLY A 25 7.07 19.93 -1.26
N PRO A 26 5.87 20.13 -1.81
CA PRO A 26 4.63 19.98 -1.04
C PRO A 26 4.46 18.53 -0.62
N SER A 27 3.47 18.29 0.24
CA SER A 27 3.11 16.95 0.71
C SER A 27 2.82 15.98 -0.42
N LYS A 28 3.14 14.70 -0.18
CA LYS A 28 2.69 13.60 -1.04
C LYS A 28 1.91 12.61 -0.19
N PHE A 29 1.25 11.65 -0.84
CA PHE A 29 0.35 10.75 -0.15
C PHE A 29 0.51 9.29 -0.60
N CYS A 30 0.32 8.36 0.34
CA CYS A 30 0.38 6.92 0.06
C CYS A 30 -0.63 6.18 0.93
N GLY A 31 -0.82 4.90 0.64
CA GLY A 31 -1.51 4.00 1.54
C GLY A 31 -0.53 3.22 2.39
N GLY A 32 -1.07 2.33 3.21
CA GLY A 32 -0.30 1.53 4.15
C GLY A 32 -1.30 0.70 4.93
N PHE A 33 -0.83 -0.23 5.75
CA PHE A 33 -1.74 -1.00 6.58
C PHE A 33 -1.16 -1.29 7.95
N LEU A 34 -2.03 -1.30 8.96
CA LEU A 34 -1.61 -1.50 10.35
C LEU A 34 -1.39 -2.98 10.65
N ILE A 35 -0.15 -3.37 10.98
CA ILE A 35 0.13 -4.79 11.23
C ILE A 35 0.43 -5.08 12.69
N ARG A 36 0.76 -4.02 13.45
CA ARG A 36 0.86 -4.08 14.91
C ARG A 36 0.27 -2.75 15.39
N ARG A 37 -0.10 -2.64 16.67
CA ARG A 37 -0.75 -1.38 17.08
C ARG A 37 0.14 -0.17 16.88
N ASN A 38 1.46 -0.37 16.85
CA ASN A 38 2.40 0.72 16.59
C ASN A 38 3.30 0.52 15.36
N PHE A 39 2.87 -0.32 14.41
CA PHE A 39 3.61 -0.46 13.15
C PHE A 39 2.72 -0.49 11.91
N VAL A 40 3.08 0.32 10.92
CA VAL A 40 2.37 0.35 9.63
C VAL A 40 3.32 -0.12 8.54
N LEU A 41 2.84 -0.99 7.65
CA LEU A 41 3.62 -1.46 6.49
C LEU A 41 3.21 -0.66 5.27
N THR A 42 4.19 -0.28 4.46
CA THR A 42 3.90 0.51 3.28
C THR A 42 5.03 0.29 2.28
N ALA A 43 5.09 1.13 1.24
CA ALA A 43 6.14 1.01 0.21
C ALA A 43 7.34 1.90 0.54
N ALA A 44 8.55 1.43 0.22
CA ALA A 44 9.75 2.20 0.50
C ALA A 44 9.79 3.53 -0.24
N HIS A 45 9.14 3.60 -1.41
CA HIS A 45 9.17 4.85 -2.16
C HIS A 45 8.28 5.93 -1.56
N CYS A 46 7.54 5.56 -0.51
CA CYS A 46 6.72 6.53 0.22
C CYS A 46 7.49 7.20 1.35
N ALA A 47 8.79 6.89 1.48
CA ALA A 47 9.61 7.57 2.49
C ALA A 47 9.73 9.07 2.24
N GLY A 48 10.02 9.81 3.31
CA GLY A 48 10.14 11.24 3.22
C GLY A 48 10.87 11.76 4.45
N ARG A 49 10.88 13.08 4.63
CA ARG A 49 11.54 13.66 5.79
C ARG A 49 10.74 13.34 7.06
N SER A 50 9.41 13.34 6.93
CA SER A 50 8.55 12.90 8.04
C SER A 50 7.19 12.47 7.51
N ILE A 51 6.49 11.64 8.29
CA ILE A 51 5.21 11.08 7.86
C ILE A 51 4.17 11.16 8.97
N THR A 52 2.92 11.46 8.62
CA THR A 52 1.82 11.36 9.57
C THR A 52 0.88 10.25 9.06
N VAL A 53 0.39 9.43 9.96
CA VAL A 53 -0.53 8.37 9.58
C VAL A 53 -1.91 8.70 10.11
N THR A 54 -2.94 8.56 9.27
CA THR A 54 -4.32 8.68 9.76
C THR A 54 -4.96 7.29 9.65
N LEU A 55 -5.36 6.73 10.79
CA LEU A 55 -6.14 5.50 10.85
C LEU A 55 -7.62 5.85 11.01
N GLY A 56 -8.50 4.91 10.68
CA GLY A 56 -9.93 5.11 10.88
C GLY A 56 -10.63 6.01 9.87
N ALA A 57 -9.94 6.34 8.78
CA ALA A 57 -10.51 7.27 7.80
C ALA A 57 -11.41 6.55 6.78
N HIS A 58 -12.44 7.25 6.32
CA HIS A 58 -13.10 6.89 5.05
C HIS A 58 -13.03 8.07 4.10
N ASN A 59 -13.83 9.11 4.35
CA ASN A 59 -13.69 10.34 3.61
C ASN A 59 -12.60 11.16 4.27
N ILE A 60 -11.45 11.25 3.62
CA ILE A 60 -10.24 11.83 4.23
C ILE A 60 -10.29 13.36 4.33
N THR A 61 -11.36 13.95 3.80
CA THR A 61 -11.51 15.41 3.87
C THR A 61 -12.42 15.83 5.01
N GLU A 62 -13.20 14.88 5.56
CA GLU A 62 -14.04 15.19 6.73
C GLU A 62 -13.66 14.43 8.02
N GLU A 63 -13.10 15.18 8.97
CA GLU A 63 -12.68 14.65 10.27
C GLU A 63 -13.85 14.10 11.08
N GLU A 64 -13.66 12.93 11.67
CA GLU A 64 -14.68 12.27 12.45
C GLU A 64 -14.05 11.55 13.64
N ASP A 65 -14.89 11.05 14.55
CA ASP A 65 -14.38 10.45 15.77
C ASP A 65 -13.57 9.18 15.58
N THR A 66 -13.74 8.51 14.43
CA THR A 66 -13.00 7.27 14.16
C THR A 66 -11.53 7.55 13.89
N TRP A 67 -11.25 8.77 13.46
CA TRP A 67 -9.89 9.17 13.11
C TRP A 67 -8.90 9.07 14.28
N GLN A 68 -7.74 8.49 13.99
CA GLN A 68 -6.61 8.60 14.89
C GLN A 68 -5.45 9.07 14.04
N LYS A 69 -4.97 10.27 14.32
CA LYS A 69 -3.86 10.84 13.56
C LYS A 69 -2.62 10.62 14.39
N LEU A 70 -1.68 9.84 13.86
CA LEU A 70 -0.56 9.38 14.68
C LEU A 70 0.79 9.82 14.14
N GLU A 71 1.66 10.29 15.02
CA GLU A 71 3.00 10.67 14.63
C GLU A 71 3.82 9.42 14.31
N VAL A 72 4.68 9.49 13.31
CA VAL A 72 5.63 8.42 13.03
C VAL A 72 6.98 8.85 13.60
N ILE A 73 7.58 8.02 14.45
N ILE A 73 7.53 8.03 14.50
CA ILE A 73 8.86 8.41 15.02
CA ILE A 73 8.81 8.33 15.14
C ILE A 73 10.05 8.02 14.18
C ILE A 73 10.04 7.98 14.27
N LYS A 74 9.97 6.85 13.58
CA LYS A 74 11.08 6.32 12.82
C LYS A 74 10.59 5.59 11.56
N GLN A 75 11.30 5.77 10.47
CA GLN A 75 10.99 5.08 9.22
C GLN A 75 12.05 4.00 9.01
N PHE A 76 11.61 2.78 8.69
CA PHE A 76 12.53 1.68 8.41
C PHE A 76 12.39 1.25 6.96
N ARG A 77 13.06 1.97 6.06
CA ARG A 77 13.04 1.62 4.65
C ARG A 77 13.92 0.40 4.47
N HIS A 78 13.54 -0.52 3.59
CA HIS A 78 14.37 -1.70 3.36
C HIS A 78 15.74 -1.23 2.90
N PRO A 79 16.81 -1.80 3.46
CA PRO A 79 18.16 -1.27 3.17
C PRO A 79 18.58 -1.46 1.73
N LYS A 80 17.99 -2.43 1.03
CA LYS A 80 18.33 -2.68 -0.36
C LYS A 80 17.40 -2.03 -1.39
N TYR A 81 16.44 -1.19 -0.94
CA TYR A 81 15.52 -0.55 -1.89
C TYR A 81 16.34 0.16 -2.96
N ASN A 82 16.02 -0.08 -4.21
CA ASN A 82 16.85 0.44 -5.29
C ASN A 82 16.00 1.36 -6.16
N THR A 83 16.43 2.60 -6.31
CA THR A 83 15.64 3.61 -7.02
C THR A 83 15.68 3.43 -8.54
N SER A 84 16.50 2.49 -9.00
N SER A 84 16.51 2.52 -9.01
CA SER A 84 16.63 2.19 -10.43
CA SER A 84 16.59 2.21 -10.43
C SER A 84 15.79 0.98 -10.82
C SER A 84 15.74 0.99 -10.80
N THR A 85 15.99 -0.14 -10.13
CA THR A 85 15.24 -1.37 -10.38
C THR A 85 13.91 -1.42 -9.65
N LEU A 86 13.75 -0.59 -8.62
CA LEU A 86 12.56 -0.54 -7.76
C LEU A 86 12.40 -1.79 -6.89
N HIS A 87 13.46 -2.59 -6.83
CA HIS A 87 13.45 -3.78 -6.01
C HIS A 87 13.37 -3.43 -4.53
N HIS A 88 12.70 -4.31 -3.77
CA HIS A 88 12.61 -4.21 -2.32
C HIS A 88 11.86 -2.95 -1.89
N ASP A 89 10.73 -2.71 -2.55
CA ASP A 89 9.90 -1.52 -2.29
C ASP A 89 9.04 -1.79 -1.07
N ILE A 90 9.66 -1.78 0.11
CA ILE A 90 8.92 -2.05 1.33
C ILE A 90 9.51 -1.26 2.49
N MET A 91 8.64 -0.81 3.41
CA MET A 91 9.04 0.05 4.53
C MET A 91 8.14 -0.19 5.71
N LEU A 92 8.74 -0.25 6.89
CA LEU A 92 7.98 -0.23 8.13
C LEU A 92 8.01 1.15 8.76
N LEU A 93 6.87 1.56 9.30
CA LEU A 93 6.80 2.83 10.03
C LEU A 93 6.46 2.55 11.48
N LYS A 94 7.28 3.06 12.39
CA LYS A 94 6.98 2.91 13.82
C LYS A 94 6.22 4.13 14.31
N LEU A 95 5.03 3.90 14.86
CA LEU A 95 4.20 4.99 15.38
C LEU A 95 4.67 5.40 16.77
N LYS A 96 4.56 6.68 17.08
CA LYS A 96 4.95 7.20 18.40
C LYS A 96 4.28 6.44 19.56
N GLU A 97 3.00 6.13 19.42
CA GLU A 97 2.35 5.26 20.41
C GLU A 97 1.51 4.18 19.75
N LYS A 98 1.03 3.23 20.54
CA LYS A 98 0.19 2.19 19.98
C LYS A 98 -1.19 2.76 19.72
N ALA A 99 -1.78 2.38 18.59
CA ALA A 99 -3.10 2.89 18.23
C ALA A 99 -4.15 2.29 19.14
N SER A 100 -5.30 2.95 19.23
CA SER A 100 -6.41 2.38 19.97
C SER A 100 -7.08 1.39 19.04
N LEU A 101 -7.62 0.32 19.59
CA LEU A 101 -8.41 -0.61 18.81
C LEU A 101 -9.87 -0.21 18.93
N THR A 102 -10.51 0.06 17.79
CA THR A 102 -11.91 0.40 17.78
C THR A 102 -12.52 -0.42 16.67
N LEU A 103 -13.82 -0.24 16.44
CA LEU A 103 -14.46 -0.93 15.34
C LEU A 103 -13.85 -0.49 14.00
N ALA A 104 -13.46 0.78 13.93
CA ALA A 104 -12.97 1.38 12.69
C ALA A 104 -11.45 1.20 12.52
N VAL A 105 -10.78 0.74 13.57
CA VAL A 105 -9.31 0.62 13.55
C VAL A 105 -8.85 -0.68 14.19
N GLY A 106 -8.18 -1.51 13.41
CA GLY A 106 -7.66 -2.77 13.91
C GLY A 106 -6.47 -3.17 13.07
N THR A 107 -5.73 -4.18 13.51
CA THR A 107 -4.58 -4.65 12.75
C THR A 107 -4.96 -5.71 11.73
N LEU A 108 -4.11 -5.86 10.72
CA LEU A 108 -4.27 -6.96 9.78
C LEU A 108 -3.28 -8.03 10.16
N PRO A 109 -3.79 -9.10 10.79
CA PRO A 109 -2.97 -10.21 11.29
C PRO A 109 -2.11 -10.80 10.18
N PHE A 110 -0.82 -10.96 10.44
CA PHE A 110 0.02 -11.75 9.56
C PHE A 110 -0.24 -13.24 9.86
N VAL A 117 -0.45 -18.77 -3.61
CA VAL A 117 -1.62 -18.46 -4.43
C VAL A 117 -1.34 -18.63 -5.92
N PRO A 118 -2.03 -19.58 -6.57
CA PRO A 118 -1.85 -19.76 -8.02
C PRO A 118 -2.36 -18.56 -8.80
N PRO A 119 -1.74 -18.29 -9.97
CA PRO A 119 -2.23 -17.24 -10.88
C PRO A 119 -3.61 -17.61 -11.41
N GLY A 120 -4.48 -16.63 -11.50
CA GLY A 120 -5.89 -16.87 -11.81
C GLY A 120 -6.75 -16.51 -10.60
N ARG A 121 -6.10 -16.43 -9.45
CA ARG A 121 -6.75 -16.04 -8.21
C ARG A 121 -7.18 -14.57 -8.28
N MET A 122 -8.30 -14.25 -7.64
CA MET A 122 -8.72 -12.85 -7.55
C MET A 122 -8.29 -12.29 -6.20
N CYS A 123 -7.65 -11.13 -6.23
CA CYS A 123 -7.24 -10.45 -5.02
C CYS A 123 -7.87 -9.08 -5.05
N ARG A 124 -7.82 -8.37 -3.93
CA ARG A 124 -8.37 -7.01 -3.92
C ARG A 124 -7.41 -6.01 -3.29
N VAL A 125 -7.48 -4.77 -3.73
CA VAL A 125 -6.60 -3.74 -3.20
C VAL A 125 -7.40 -2.44 -3.04
N ALA A 126 -7.18 -1.76 -1.92
CA ALA A 126 -7.93 -0.54 -1.58
C ALA A 126 -7.00 0.64 -1.46
N GLY A 127 -7.52 1.84 -1.65
CA GLY A 127 -6.69 3.04 -1.52
C GLY A 127 -7.44 4.31 -1.78
N TRP A 128 -6.77 5.44 -1.51
CA TRP A 128 -7.32 6.77 -1.73
C TRP A 128 -6.66 7.42 -2.96
N GLY A 129 -5.96 6.60 -3.75
CA GLY A 129 -5.23 7.14 -4.89
C GLY A 129 -6.13 7.65 -5.99
N ARG A 130 -5.53 8.15 -7.06
CA ARG A 130 -6.26 8.69 -8.23
C ARG A 130 -7.17 7.65 -8.88
N THR A 131 -8.31 8.11 -9.40
CA THR A 131 -9.31 7.22 -9.97
C THR A 131 -9.21 7.16 -11.48
N GLY A 132 -8.21 7.84 -12.01
CA GLY A 132 -7.94 7.83 -13.43
C GLY A 132 -6.57 8.46 -13.64
N VAL A 133 -5.99 8.25 -14.81
CA VAL A 133 -4.65 8.75 -15.08
C VAL A 133 -4.55 10.27 -14.97
N LEU A 134 -5.68 10.96 -15.19
CA LEU A 134 -5.71 12.41 -15.20
C LEU A 134 -6.61 12.97 -14.09
N LYS A 135 -7.06 12.07 -13.22
CA LYS A 135 -7.99 12.41 -12.15
C LYS A 135 -7.25 12.66 -10.85
N PRO A 136 -7.85 13.45 -9.94
CA PRO A 136 -7.23 13.72 -8.65
C PRO A 136 -7.34 12.52 -7.69
N GLY A 137 -6.64 12.58 -6.57
CA GLY A 137 -6.79 11.54 -5.57
C GLY A 137 -8.24 11.49 -5.10
N SER A 138 -8.68 10.31 -4.67
CA SER A 138 -10.05 10.09 -4.23
C SER A 138 -10.26 10.58 -2.81
N ASP A 139 -11.41 11.23 -2.56
CA ASP A 139 -11.78 11.64 -1.21
C ASP A 139 -12.03 10.41 -0.33
N THR A 140 -12.53 9.34 -0.93
CA THR A 140 -12.95 8.18 -0.15
C THR A 140 -12.13 6.93 -0.48
N LEU A 141 -12.17 5.96 0.43
CA LEU A 141 -11.51 4.68 0.22
C LEU A 141 -12.24 3.88 -0.86
N GLN A 142 -11.51 3.52 -1.92
CA GLN A 142 -12.07 2.69 -2.99
C GLN A 142 -11.37 1.34 -2.94
N GLU A 143 -12.03 0.31 -3.44
CA GLU A 143 -11.41 -1.00 -3.56
C GLU A 143 -11.69 -1.59 -4.94
N VAL A 144 -10.74 -2.39 -5.43
CA VAL A 144 -10.90 -3.06 -6.73
C VAL A 144 -10.43 -4.50 -6.65
N LYS A 145 -11.11 -5.39 -7.37
CA LYS A 145 -10.71 -6.79 -7.41
C LYS A 145 -9.83 -7.01 -8.65
N LEU A 146 -8.66 -7.61 -8.44
CA LEU A 146 -7.69 -7.76 -9.53
C LEU A 146 -7.23 -9.21 -9.65
N ARG A 147 -6.89 -9.62 -10.88
CA ARG A 147 -6.51 -11.00 -11.13
C ARG A 147 -5.00 -11.18 -10.98
N LEU A 148 -4.60 -12.20 -10.21
CA LEU A 148 -3.18 -12.54 -10.10
C LEU A 148 -2.71 -13.21 -11.40
N MET A 149 -1.62 -12.70 -11.97
CA MET A 149 -1.13 -13.16 -13.28
C MET A 149 0.16 -13.99 -13.20
N ASP A 150 0.39 -14.82 -14.22
CA ASP A 150 1.66 -15.50 -14.38
C ASP A 150 2.76 -14.45 -14.59
N PRO A 151 3.97 -14.72 -14.11
CA PRO A 151 5.09 -13.77 -14.17
C PRO A 151 5.35 -13.23 -15.59
N GLN A 152 5.15 -14.05 -16.61
CA GLN A 152 5.42 -13.60 -17.99
C GLN A 152 4.51 -12.43 -18.41
N ALA A 153 3.35 -12.31 -17.78
CA ALA A 153 2.47 -11.16 -18.08
C ALA A 153 3.15 -9.82 -17.75
N CYS A 154 4.16 -9.85 -16.89
CA CYS A 154 4.85 -8.63 -16.47
C CYS A 154 6.26 -8.51 -17.05
N SER A 155 6.54 -9.27 -18.12
CA SER A 155 7.88 -9.31 -18.69
C SER A 155 8.35 -7.94 -19.19
N HIS A 156 7.42 -7.13 -19.69
CA HIS A 156 7.76 -5.81 -20.22
C HIS A 156 8.29 -4.84 -19.17
N PHE A 157 8.09 -5.18 -17.90
CA PHE A 157 8.79 -4.45 -16.84
C PHE A 157 10.13 -5.15 -16.71
N ARG A 158 11.18 -4.60 -17.33
CA ARG A 158 12.43 -5.35 -17.50
C ARG A 158 13.08 -5.73 -16.16
N ASP A 159 12.77 -4.97 -15.10
CA ASP A 159 13.36 -5.26 -13.79
C ASP A 159 12.43 -6.07 -12.89
N PHE A 160 11.30 -6.51 -13.43
CA PHE A 160 10.38 -7.38 -12.67
C PHE A 160 11.06 -8.70 -12.33
N ASP A 161 10.84 -9.20 -11.11
CA ASP A 161 11.46 -10.45 -10.66
C ASP A 161 10.39 -11.27 -9.92
N HIS A 162 10.01 -12.41 -10.50
CA HIS A 162 8.96 -13.30 -9.99
C HIS A 162 9.18 -13.71 -8.52
N ASN A 163 10.43 -13.71 -8.09
CA ASN A 163 10.75 -14.06 -6.72
C ASN A 163 10.41 -12.97 -5.72
N LEU A 164 10.58 -11.72 -6.15
CA LEU A 164 10.44 -10.57 -5.27
C LEU A 164 9.07 -9.92 -5.45
N GLN A 165 8.41 -10.17 -6.58
CA GLN A 165 7.21 -9.42 -6.92
C GLN A 165 6.04 -10.25 -7.46
N LEU A 166 4.83 -9.70 -7.34
CA LEU A 166 3.64 -10.28 -7.91
C LEU A 166 3.22 -9.49 -9.13
N CYS A 167 2.61 -10.19 -10.09
CA CYS A 167 2.10 -9.58 -11.31
C CYS A 167 0.59 -9.59 -11.25
N VAL A 168 -0.01 -8.39 -11.22
CA VAL A 168 -1.41 -8.25 -10.83
C VAL A 168 -2.21 -7.41 -11.81
N GLY A 169 -3.31 -7.97 -12.30
CA GLY A 169 -4.21 -7.24 -13.18
C GLY A 169 -4.32 -7.80 -14.59
N ASN A 170 -5.56 -8.12 -14.99
CA ASN A 170 -5.87 -8.55 -16.35
C ASN A 170 -5.72 -7.39 -17.33
N PRO A 171 -4.83 -7.55 -18.33
CA PRO A 171 -4.65 -6.46 -19.30
C PRO A 171 -5.92 -6.12 -20.07
N ARG A 172 -6.90 -7.02 -20.08
CA ARG A 172 -8.15 -6.83 -20.80
C ARG A 172 -9.17 -6.00 -20.03
N LYS A 173 -8.85 -5.65 -18.79
CA LYS A 173 -9.75 -4.85 -17.94
C LYS A 173 -9.03 -3.54 -17.64
N THR A 174 -9.78 -2.49 -17.32
CA THR A 174 -9.11 -1.23 -16.99
C THR A 174 -8.84 -1.09 -15.49
N LYS A 175 -9.25 -2.10 -14.73
CA LYS A 175 -9.09 -2.08 -13.27
C LYS A 175 -7.63 -2.09 -12.85
N SER A 176 -7.26 -1.20 -11.93
CA SER A 176 -5.87 -1.09 -11.48
C SER A 176 -5.68 -0.21 -10.26
N ALA A 177 -4.59 -0.41 -9.53
CA ALA A 177 -4.14 0.57 -8.54
C ALA A 177 -3.46 1.67 -9.33
N PHE A 178 -3.29 2.86 -8.73
CA PHE A 178 -2.62 3.96 -9.42
C PHE A 178 -1.92 4.89 -8.43
N LYS A 179 -1.46 6.05 -8.91
CA LYS A 179 -0.74 7.02 -8.08
C LYS A 179 -1.51 7.34 -6.81
N GLY A 180 -0.82 7.25 -5.68
CA GLY A 180 -1.45 7.51 -4.40
C GLY A 180 -1.88 6.23 -3.68
N ASP A 181 -1.94 5.13 -4.43
CA ASP A 181 -2.32 3.85 -3.82
C ASP A 181 -1.11 3.08 -3.32
N SER A 182 0.09 3.55 -3.68
CA SER A 182 1.34 2.92 -3.25
C SER A 182 1.31 2.60 -1.76
N GLY A 183 1.73 1.38 -1.39
CA GLY A 183 1.85 1.00 0.00
C GLY A 183 0.67 0.21 0.53
N GLY A 184 -0.45 0.25 -0.18
CA GLY A 184 -1.64 -0.47 0.26
C GLY A 184 -1.52 -1.96 0.05
N PRO A 185 -2.17 -2.76 0.90
CA PRO A 185 -2.05 -4.21 0.81
C PRO A 185 -2.93 -4.79 -0.28
N LEU A 186 -2.41 -5.83 -0.93
CA LEU A 186 -3.19 -6.65 -1.84
C LEU A 186 -3.55 -7.90 -1.06
N LEU A 187 -4.85 -8.13 -0.87
CA LEU A 187 -5.32 -9.28 -0.10
C LEU A 187 -5.87 -10.35 -1.01
N CYS A 188 -5.39 -11.57 -0.82
CA CYS A 188 -5.92 -12.74 -1.50
C CYS A 188 -6.36 -13.71 -0.41
N ALA A 189 -7.66 -14.03 -0.38
CA ALA A 189 -8.29 -14.86 0.65
C ALA A 189 -8.26 -14.21 2.04
N GLY A 190 -8.37 -12.88 2.07
CA GLY A 190 -8.35 -12.17 3.33
C GLY A 190 -6.96 -12.05 3.94
N ALA A 191 -5.95 -12.50 3.21
CA ALA A 191 -4.56 -12.42 3.68
C ALA A 191 -3.72 -11.54 2.77
N ALA A 192 -2.97 -10.63 3.38
CA ALA A 192 -2.09 -9.75 2.61
C ALA A 192 -0.99 -10.52 1.89
N GLN A 193 -0.99 -10.43 0.57
CA GLN A 193 0.02 -11.12 -0.24
C GLN A 193 0.99 -10.14 -0.89
N GLY A 194 0.53 -8.93 -1.16
CA GLY A 194 1.33 -7.94 -1.86
C GLY A 194 1.24 -6.51 -1.33
N ILE A 195 2.10 -5.64 -1.85
CA ILE A 195 2.05 -4.21 -1.56
C ILE A 195 2.13 -3.47 -2.89
N VAL A 196 1.20 -2.55 -3.12
CA VAL A 196 1.22 -1.74 -4.35
C VAL A 196 2.59 -1.11 -4.51
N SER A 197 3.21 -1.28 -5.68
CA SER A 197 4.55 -0.71 -5.90
C SER A 197 4.58 0.22 -7.12
N TYR A 198 4.57 -0.36 -8.31
CA TYR A 198 4.60 0.45 -9.52
C TYR A 198 3.84 -0.21 -10.67
N GLY A 199 3.63 0.57 -11.73
CA GLY A 199 3.10 0.09 -12.98
C GLY A 199 3.39 1.10 -14.08
N ARG A 200 2.66 0.98 -15.20
CA ARG A 200 2.79 1.93 -16.30
C ARG A 200 2.14 3.27 -15.99
N SER A 201 2.68 4.32 -16.60
CA SER A 201 2.11 5.67 -16.40
C SER A 201 0.69 5.78 -16.95
N ASP A 202 0.36 4.99 -17.98
CA ASP A 202 -0.98 5.03 -18.57
C ASP A 202 -1.95 4.06 -17.89
N ALA A 203 -1.49 3.43 -16.80
CA ALA A 203 -2.30 2.50 -16.02
C ALA A 203 -2.84 1.26 -16.75
N LYS A 204 -2.24 0.87 -17.87
CA LYS A 204 -2.60 -0.40 -18.52
C LYS A 204 -2.06 -1.55 -17.68
N PRO A 205 -2.96 -2.43 -17.19
CA PRO A 205 -2.52 -3.58 -16.37
C PRO A 205 -1.74 -4.61 -17.22
N PRO A 206 -0.93 -5.46 -16.57
CA PRO A 206 -0.77 -5.65 -15.13
C PRO A 206 0.16 -4.62 -14.52
N ALA A 207 0.25 -4.67 -13.20
CA ALA A 207 1.13 -3.82 -12.41
C ALA A 207 1.98 -4.71 -11.51
N VAL A 208 2.98 -4.12 -10.88
CA VAL A 208 3.94 -4.87 -10.05
C VAL A 208 3.71 -4.57 -8.58
N PHE A 209 3.53 -5.63 -7.77
CA PHE A 209 3.36 -5.48 -6.33
C PHE A 209 4.54 -6.17 -5.65
N THR A 210 4.95 -5.65 -4.50
CA THR A 210 5.96 -6.33 -3.69
C THR A 210 5.39 -7.65 -3.18
N ARG A 211 6.14 -8.75 -3.28
CA ARG A 211 5.71 -10.03 -2.70
C ARG A 211 6.05 -10.11 -1.20
N ILE A 212 5.04 -9.97 -0.33
CA ILE A 212 5.30 -9.85 1.11
C ILE A 212 6.08 -11.03 1.70
N SER A 213 5.73 -12.24 1.27
CA SER A 213 6.33 -13.45 1.84
C SER A 213 7.86 -13.43 1.79
N HIS A 214 8.42 -12.90 0.71
CA HIS A 214 9.87 -12.79 0.59
C HIS A 214 10.50 -11.91 1.65
N TYR A 215 9.74 -10.94 2.16
CA TYR A 215 10.26 -9.95 3.09
C TYR A 215 9.95 -10.25 4.55
N GLN A 216 9.21 -11.33 4.78
CA GLN A 216 8.76 -11.69 6.14
C GLN A 216 9.88 -11.77 7.20
N PRO A 217 11.02 -12.43 6.87
CA PRO A 217 12.10 -12.44 7.87
C PRO A 217 12.60 -11.04 8.22
N TRP A 218 12.73 -10.16 7.23
CA TRP A 218 13.17 -8.80 7.48
C TRP A 218 12.13 -8.06 8.33
N ILE A 219 10.86 -8.32 8.02
CA ILE A 219 9.75 -7.71 8.74
C ILE A 219 9.78 -8.12 10.23
N ASN A 220 9.86 -9.43 10.48
CA ASN A 220 9.98 -9.97 11.84
C ASN A 220 11.17 -9.40 12.58
N GLN A 221 12.26 -9.21 11.84
CA GLN A 221 13.49 -8.66 12.39
C GLN A 221 13.27 -7.29 13.01
N ILE A 222 12.72 -6.36 12.22
CA ILE A 222 12.46 -4.99 12.63
C ILE A 222 11.48 -4.95 13.82
N LEU A 223 10.48 -5.83 13.79
CA LEU A 223 9.47 -5.87 14.85
C LEU A 223 10.02 -6.36 16.19
N GLN A 224 11.19 -7.02 16.16
CA GLN A 224 11.82 -7.53 17.38
C GLN A 224 12.90 -6.59 17.93
N ALA A 225 13.57 -5.85 17.04
CA ALA A 225 14.62 -4.92 17.46
C ALA A 225 14.08 -3.55 17.85
N ASN A 226 12.77 -3.34 17.68
CA ASN A 226 12.17 -2.03 17.95
C ASN A 226 10.80 -2.15 18.61
C1 NAG B . -16.33 13.54 1.16
C2 NAG B . -17.46 13.67 0.15
C3 NAG B . -17.44 15.05 -0.49
C4 NAG B . -17.50 16.13 0.58
C5 NAG B . -16.37 15.92 1.58
C6 NAG B . -16.43 16.90 2.74
C7 NAG B . -18.13 11.50 -0.80
C8 NAG B . -17.95 10.53 -1.93
N2 NAG B . -17.40 12.63 -0.88
O3 NAG B . -18.53 15.19 -1.39
O4 NAG B . -17.38 17.43 -0.01
O5 NAG B . -16.44 14.61 2.14
O6 NAG B . -17.48 16.58 3.63
O7 NAG B . -18.87 11.27 0.15
ZN ZN C . -17.28 7.15 10.08
O9 1P7 D . -0.61 -0.59 -9.76
C8 1P7 D . -0.34 0.29 -10.56
N7 1P7 D . -0.57 0.29 -11.89
C6 1P7 D . -0.07 1.55 -12.46
C10 1P7 D . 0.33 1.54 -10.16
C11 1P7 D . 0.75 2.00 -8.91
C2 1P7 D . 1.35 3.24 -8.83
CL1 1P7 D . 1.88 3.82 -7.27
C5 1P7 D . 0.50 2.33 -11.31
C4 1P7 D . 1.10 3.57 -11.21
C3 1P7 D . 1.52 4.03 -9.97
#